data_5XCT
#
_entry.id   5XCT
#
_cell.length_a   49.100
_cell.length_b   55.159
_cell.length_c   62.484
_cell.angle_alpha   90.00
_cell.angle_beta   93.16
_cell.angle_gamma   90.00
#
_symmetry.space_group_name_H-M   'P 1 21 1'
#
loop_
_entity.id
_entity.type
_entity.pdbx_description
1 polymer 'VH(S112C)-SARAH chimera'
2 polymer VL-SARAH(S37C)chimera
3 polymer 'C8 peptide'
4 non-polymer 'CHLORIDE ION'
5 water water
#
loop_
_entity_poly.entity_id
_entity_poly.type
_entity_poly.pdbx_seq_one_letter_code
_entity_poly.pdbx_strand_id
1 'polypeptide(L)'
;MQIQLVQSGPEVQKPGETVRISCKASGYTFTTAGMQWVQKMPGKSLKWIGWINTRSGVPKYAEDFKGRFAFSLETSASIA
YLHINNLKNEDTATYFCAREGPGFVYWGQGTLVTVCSGSDYEFLKSWTVEDLQKRLLALDPMMEQEIEEIRQKYQSKRQP
ILDAIEAK
;
A
2 'polypeptide(L)'
;MGQTVVTQESALTTSPGETVTLTCRSSTGAVTTSNYANWVQEKPDHLFTGLIVGTNNRVPGVPPRFSGSLIEDKAALTIT
GAQTEDEAIYFCALWYSNHWVFGGGTKLTVLGGSDYEFLKSWTVEDLQKRLLALDPMMEQEIEEIRQKYQCKRQPILDAI
EAK
;
B
3 'polypeptide(L)' PRGYPGQV C
#
loop_
_chem_comp.id
_chem_comp.type
_chem_comp.name
_chem_comp.formula
CL non-polymer 'CHLORIDE ION' 'Cl -1'
#
# COMPACT_ATOMS: atom_id res chain seq x y z
N GLN A 2 7.56 -12.43 -11.70
CA GLN A 2 7.30 -13.80 -11.27
C GLN A 2 7.27 -13.89 -9.75
N ILE A 3 8.05 -13.04 -9.07
CA ILE A 3 7.93 -12.95 -7.61
C ILE A 3 6.63 -12.25 -7.26
N GLN A 4 5.84 -12.90 -6.40
N GLN A 4 5.85 -12.89 -6.38
CA GLN A 4 4.58 -12.32 -5.97
CA GLN A 4 4.58 -12.32 -5.97
C GLN A 4 4.40 -12.52 -4.47
C GLN A 4 4.37 -12.53 -4.48
N LEU A 5 3.84 -11.51 -3.81
CA LEU A 5 3.42 -11.62 -2.42
C LEU A 5 1.92 -11.36 -2.40
N VAL A 6 1.15 -12.36 -1.96
CA VAL A 6 -0.31 -12.27 -2.01
C VAL A 6 -0.83 -12.27 -0.58
N GLN A 7 -1.51 -11.21 -0.18
CA GLN A 7 -2.01 -11.10 1.18
C GLN A 7 -3.45 -11.53 1.28
N SER A 8 -3.84 -11.88 2.49
CA SER A 8 -5.23 -12.21 2.78
C SER A 8 -6.14 -10.98 2.65
N GLY A 9 -7.44 -11.24 2.62
CA GLY A 9 -8.43 -10.22 2.31
C GLY A 9 -8.68 -9.26 3.46
N PRO A 10 -9.46 -8.23 3.18
CA PRO A 10 -9.75 -7.23 4.21
C PRO A 10 -10.48 -7.83 5.39
N GLU A 11 -10.23 -7.23 6.56
CA GLU A 11 -10.82 -7.68 7.81
C GLU A 11 -11.51 -6.51 8.48
N VAL A 12 -12.64 -6.78 9.09
CA VAL A 12 -13.36 -5.78 9.86
C VAL A 12 -13.56 -6.34 11.26
N GLN A 13 -13.26 -5.53 12.27
CA GLN A 13 -13.21 -6.02 13.64
C GLN A 13 -13.66 -4.90 14.57
N LYS A 14 -13.90 -5.27 15.82
CA LYS A 14 -14.23 -4.32 16.86
C LYS A 14 -13.04 -4.12 17.78
N PRO A 15 -12.95 -2.99 18.47
CA PRO A 15 -11.84 -2.77 19.41
C PRO A 15 -11.71 -3.92 20.39
N GLY A 16 -10.47 -4.26 20.72
CA GLY A 16 -10.18 -5.36 21.63
C GLY A 16 -10.03 -6.71 20.98
N GLU A 17 -10.42 -6.86 19.71
CA GLU A 17 -10.29 -8.15 19.05
C GLU A 17 -8.89 -8.38 18.50
N THR A 18 -8.67 -9.55 17.90
CA THR A 18 -7.39 -9.94 17.34
C THR A 18 -7.58 -10.28 15.87
N VAL A 19 -6.59 -9.95 15.04
CA VAL A 19 -6.60 -10.32 13.63
C VAL A 19 -5.27 -10.97 13.26
N ARG A 20 -5.32 -11.83 12.24
CA ARG A 20 -4.12 -12.43 11.67
C ARG A 20 -4.16 -12.19 10.17
N ILE A 21 -3.12 -11.57 9.64
CA ILE A 21 -3.00 -11.26 8.21
C ILE A 21 -1.93 -12.19 7.65
N SER A 22 -2.20 -12.78 6.50
N SER A 22 -2.20 -12.75 6.48
CA SER A 22 -1.20 -13.64 5.87
CA SER A 22 -1.26 -13.63 5.81
C SER A 22 -0.61 -12.98 4.62
C SER A 22 -0.56 -12.91 4.67
N CYS A 23 0.61 -13.42 4.31
CA CYS A 23 1.38 -12.94 3.16
C CYS A 23 2.03 -14.18 2.57
N LYS A 24 1.50 -14.66 1.45
N LYS A 24 1.53 -14.64 1.43
CA LYS A 24 2.00 -15.87 0.80
CA LYS A 24 1.99 -15.86 0.79
C LYS A 24 2.96 -15.47 -0.32
C LYS A 24 2.94 -15.50 -0.34
N ALA A 25 4.17 -16.01 -0.26
CA ALA A 25 5.23 -15.64 -1.19
C ALA A 25 5.39 -16.71 -2.26
N SER A 26 5.68 -16.29 -3.47
CA SER A 26 6.03 -17.22 -4.52
C SER A 26 7.09 -16.62 -5.42
N GLY A 27 7.80 -17.49 -6.13
CA GLY A 27 8.76 -17.09 -7.15
C GLY A 27 10.18 -16.91 -6.67
N TYR A 28 10.47 -17.25 -5.43
CA TYR A 28 11.83 -17.23 -4.88
C TYR A 28 11.84 -18.17 -3.69
N THR A 29 13.04 -18.50 -3.22
CA THR A 29 13.18 -19.39 -2.07
C THR A 29 12.78 -18.61 -0.81
N PHE A 30 11.65 -18.99 -0.19
CA PHE A 30 11.06 -18.20 0.88
C PHE A 30 12.04 -17.86 1.99
N THR A 31 12.91 -18.82 2.34
CA THR A 31 13.77 -18.69 3.51
C THR A 31 15.05 -17.89 3.27
N THR A 32 15.24 -17.30 2.10
CA THR A 32 16.52 -16.66 1.82
C THR A 32 16.49 -15.15 1.95
N ALA A 33 15.31 -14.55 2.11
CA ALA A 33 15.23 -13.10 2.27
C ALA A 33 14.19 -12.77 3.32
N GLY A 34 14.47 -11.73 4.09
CA GLY A 34 13.58 -11.35 5.17
C GLY A 34 12.28 -10.73 4.67
N MET A 35 11.26 -10.77 5.53
CA MET A 35 9.96 -10.20 5.24
C MET A 35 9.71 -9.03 6.17
N GLN A 36 9.41 -7.88 5.57
CA GLN A 36 9.08 -6.67 6.32
C GLN A 36 7.56 -6.52 6.37
N TRP A 37 7.11 -5.76 7.37
CA TRP A 37 5.71 -5.37 7.49
C TRP A 37 5.64 -3.86 7.67
N VAL A 38 4.64 -3.26 7.03
CA VAL A 38 4.45 -1.80 6.96
C VAL A 38 2.98 -1.48 7.18
N GLN A 39 2.72 -0.39 7.90
CA GLN A 39 1.38 0.11 8.14
C GLN A 39 1.18 1.43 7.40
N LYS A 40 0.05 1.55 6.69
CA LYS A 40 -0.31 2.80 6.05
C LYS A 40 -1.68 3.24 6.57
N MET A 41 -1.70 4.17 7.50
CA MET A 41 -2.98 4.63 8.02
C MET A 41 -3.66 5.52 6.97
N PRO A 42 -5.00 5.56 6.97
CA PRO A 42 -5.70 6.21 5.86
C PRO A 42 -5.29 7.67 5.68
N GLY A 43 -5.01 8.03 4.42
CA GLY A 43 -4.58 9.37 4.07
C GLY A 43 -3.16 9.72 4.47
N LYS A 44 -2.51 8.91 5.29
CA LYS A 44 -1.21 9.24 5.86
C LYS A 44 -0.13 8.36 5.23
N SER A 45 1.12 8.62 5.61
CA SER A 45 2.26 7.92 5.07
C SER A 45 2.50 6.61 5.81
N LEU A 46 3.68 6.08 5.63
CA LEU A 46 3.95 4.70 5.98
C LEU A 46 4.77 4.64 7.26
N LYS A 47 4.55 3.58 8.03
N LYS A 47 4.57 3.57 8.01
CA LYS A 47 5.35 3.27 9.21
CA LYS A 47 5.35 3.28 9.20
C LYS A 47 5.84 1.84 9.11
C LYS A 47 5.84 1.84 9.12
N TRP A 48 7.13 1.65 9.35
CA TRP A 48 7.69 0.31 9.43
C TRP A 48 7.28 -0.36 10.74
N ILE A 49 6.74 -1.57 10.63
CA ILE A 49 6.39 -2.36 11.81
C ILE A 49 7.57 -3.20 12.29
N GLY A 50 8.33 -3.77 11.36
CA GLY A 50 9.44 -4.61 11.69
C GLY A 50 9.73 -5.57 10.56
N TRP A 51 10.66 -6.50 10.79
CA TRP A 51 10.90 -7.60 9.88
C TRP A 51 10.94 -8.91 10.63
N ILE A 52 10.88 -9.99 9.88
CA ILE A 52 11.20 -11.31 10.42
C ILE A 52 12.19 -11.97 9.48
N ASN A 53 13.24 -12.53 10.07
CA ASN A 53 14.23 -13.28 9.32
C ASN A 53 13.64 -14.65 9.04
N THR A 54 13.53 -15.02 7.78
CA THR A 54 12.85 -16.24 7.41
C THR A 54 13.75 -17.47 7.48
N ARG A 55 15.06 -17.29 7.66
CA ARG A 55 16.01 -18.38 7.87
C ARG A 55 16.07 -18.75 9.35
N SER A 56 16.16 -17.75 10.22
CA SER A 56 16.33 -18.01 11.63
C SER A 56 15.06 -17.86 12.44
N GLY A 57 14.03 -17.23 11.87
CA GLY A 57 12.82 -16.93 12.59
C GLY A 57 12.90 -15.73 13.53
N VAL A 58 14.05 -15.06 13.60
CA VAL A 58 14.23 -13.99 14.59
C VAL A 58 13.62 -12.70 14.04
N PRO A 59 12.74 -12.04 14.80
CA PRO A 59 12.13 -10.79 14.33
C PRO A 59 12.89 -9.58 14.85
N LYS A 60 12.61 -8.44 14.23
CA LYS A 60 12.99 -7.14 14.75
C LYS A 60 11.78 -6.24 14.63
N TYR A 61 11.44 -5.56 15.72
CA TYR A 61 10.24 -4.73 15.78
C TYR A 61 10.57 -3.26 15.94
N ALA A 62 9.74 -2.42 15.33
CA ALA A 62 9.68 -1.01 15.69
C ALA A 62 9.06 -0.85 17.06
N GLU A 63 9.55 0.14 17.81
CA GLU A 63 9.20 0.29 19.22
C GLU A 63 7.70 0.44 19.44
N ASP A 64 7.04 1.29 18.65
CA ASP A 64 5.61 1.56 18.85
C ASP A 64 4.74 0.35 18.54
N PHE A 65 5.28 -0.67 17.89
CA PHE A 65 4.47 -1.81 17.47
C PHE A 65 4.71 -3.07 18.30
N LYS A 66 5.77 -3.13 19.12
CA LYS A 66 6.13 -4.41 19.75
C LYS A 66 5.10 -4.92 20.77
N GLY A 67 4.30 -4.04 21.35
CA GLY A 67 3.37 -4.49 22.38
C GLY A 67 2.21 -5.34 21.85
N ARG A 68 1.70 -5.02 20.67
CA ARG A 68 0.50 -5.68 20.18
C ARG A 68 0.64 -6.25 18.78
N PHE A 69 1.82 -6.15 18.18
CA PHE A 69 2.05 -6.63 16.82
C PHE A 69 3.12 -7.70 16.88
N ALA A 70 2.84 -8.85 16.25
CA ALA A 70 3.77 -9.96 16.30
C ALA A 70 3.83 -10.64 14.94
N PHE A 71 5.01 -11.13 14.59
CA PHE A 71 5.23 -11.84 13.33
C PHE A 71 5.35 -13.34 13.59
N SER A 72 4.92 -14.13 12.63
CA SER A 72 5.22 -15.56 12.67
C SER A 72 5.39 -16.06 11.23
N LEU A 73 5.83 -17.31 11.13
CA LEU A 73 6.09 -17.93 9.85
C LEU A 73 5.40 -19.28 9.81
N GLU A 74 4.95 -19.66 8.61
CA GLU A 74 4.64 -21.05 8.28
C GLU A 74 5.54 -21.36 7.09
N THR A 75 6.78 -21.73 7.40
CA THR A 75 7.83 -21.80 6.38
C THR A 75 7.50 -22.81 5.29
N SER A 76 6.92 -23.96 5.68
CA SER A 76 6.60 -24.99 4.70
C SER A 76 5.58 -24.53 3.67
N ALA A 77 4.76 -23.55 4.02
CA ALA A 77 3.75 -22.99 3.13
C ALA A 77 4.18 -21.69 2.49
N SER A 78 5.38 -21.20 2.79
CA SER A 78 5.86 -19.90 2.29
C SER A 78 4.94 -18.75 2.70
N ILE A 79 4.47 -18.79 3.95
CA ILE A 79 3.58 -17.77 4.47
C ILE A 79 4.24 -17.05 5.63
N ALA A 80 4.18 -15.73 5.62
CA ALA A 80 4.47 -14.89 6.77
C ALA A 80 3.16 -14.33 7.30
N TYR A 81 3.01 -14.26 8.64
CA TYR A 81 1.81 -13.74 9.25
C TYR A 81 2.12 -12.52 10.10
N LEU A 82 1.14 -11.61 10.14
CA LEU A 82 1.13 -10.47 11.06
C LEU A 82 -0.06 -10.64 11.98
N HIS A 83 0.20 -10.63 13.28
CA HIS A 83 -0.82 -10.77 14.30
C HIS A 83 -0.97 -9.45 15.03
N ILE A 84 -2.20 -8.95 15.11
CA ILE A 84 -2.47 -7.72 15.87
C ILE A 84 -3.48 -8.07 16.94
N ASN A 85 -3.10 -7.87 18.20
CA ASN A 85 -4.02 -8.19 19.28
C ASN A 85 -4.49 -6.90 19.95
N ASN A 86 -5.60 -7.05 20.68
N ASN A 86 -5.58 -7.04 20.71
CA ASN A 86 -6.20 -5.94 21.41
CA ASN A 86 -6.17 -5.92 21.45
C ASN A 86 -6.36 -4.70 20.54
C ASN A 86 -6.36 -4.70 20.54
N LEU A 87 -7.08 -4.91 19.42
CA LEU A 87 -7.18 -3.89 18.39
C LEU A 87 -7.71 -2.56 18.94
N LYS A 88 -7.13 -1.47 18.44
CA LYS A 88 -7.54 -0.12 18.76
C LYS A 88 -8.09 0.54 17.50
N ASN A 89 -8.91 1.57 17.69
N ASN A 89 -8.92 1.56 17.70
CA ASN A 89 -9.46 2.31 16.56
CA ASN A 89 -9.46 2.33 16.57
C ASN A 89 -8.35 2.83 15.65
C ASN A 89 -8.34 2.79 15.64
N GLU A 90 -7.23 3.25 16.22
CA GLU A 90 -6.12 3.79 15.44
C GLU A 90 -5.36 2.72 14.65
N ASP A 91 -5.66 1.44 14.85
CA ASP A 91 -5.07 0.38 14.03
C ASP A 91 -5.69 0.28 12.65
N THR A 92 -6.80 0.99 12.41
CA THR A 92 -7.41 0.98 11.08
C THR A 92 -6.40 1.49 10.06
N ALA A 93 -6.07 0.66 9.08
CA ALA A 93 -4.96 0.96 8.20
C ALA A 93 -4.88 -0.15 7.17
N THR A 94 -4.12 0.11 6.12
CA THR A 94 -3.72 -0.95 5.19
C THR A 94 -2.33 -1.45 5.59
N TYR A 95 -2.21 -2.76 5.75
CA TYR A 95 -0.97 -3.40 6.13
C TYR A 95 -0.36 -4.09 4.92
N PHE A 96 0.95 -3.97 4.77
CA PHE A 96 1.67 -4.57 3.66
C PHE A 96 2.79 -5.45 4.18
N CYS A 97 2.99 -6.57 3.52
CA CYS A 97 4.28 -7.24 3.61
C CYS A 97 5.13 -6.82 2.43
N ALA A 98 6.44 -6.84 2.64
CA ALA A 98 7.37 -6.48 1.57
C ALA A 98 8.67 -7.22 1.81
N ARG A 99 9.29 -7.72 0.76
CA ARG A 99 10.47 -8.55 0.88
C ARG A 99 11.75 -7.73 0.79
N GLU A 100 12.74 -8.09 1.61
CA GLU A 100 14.08 -7.53 1.56
C GLU A 100 14.74 -7.77 0.18
N GLY A 101 15.70 -6.93 -0.19
CA GLY A 101 16.15 -5.76 0.53
C GLY A 101 17.43 -5.24 -0.11
N PRO A 102 18.15 -4.32 0.57
CA PRO A 102 17.85 -3.81 1.91
C PRO A 102 16.67 -2.86 1.86
N GLY A 103 15.62 -3.20 2.60
CA GLY A 103 14.40 -2.41 2.55
C GLY A 103 13.26 -3.19 1.92
N PHE A 104 12.65 -2.62 0.87
CA PHE A 104 11.31 -3.00 0.46
C PHE A 104 11.30 -3.21 -1.06
N VAL A 105 11.74 -4.38 -1.51
CA VAL A 105 11.92 -4.64 -2.94
C VAL A 105 10.61 -5.06 -3.60
N TYR A 106 9.92 -6.05 -3.03
CA TYR A 106 8.69 -6.60 -3.58
C TYR A 106 7.61 -6.39 -2.54
N TRP A 107 6.40 -6.02 -2.98
CA TRP A 107 5.33 -5.63 -2.08
C TRP A 107 4.11 -6.52 -2.28
N GLY A 108 3.50 -6.94 -1.18
CA GLY A 108 2.14 -7.48 -1.24
C GLY A 108 1.14 -6.39 -1.61
N GLN A 109 -0.10 -6.82 -1.92
CA GLN A 109 -1.10 -5.87 -2.41
C GLN A 109 -1.75 -5.06 -1.31
N GLY A 110 -1.53 -5.40 -0.04
CA GLY A 110 -2.10 -4.70 1.08
C GLY A 110 -3.36 -5.39 1.58
N THR A 111 -3.57 -5.29 2.89
CA THR A 111 -4.74 -5.81 3.57
C THR A 111 -5.28 -4.69 4.44
N LEU A 112 -6.51 -4.26 4.15
CA LEU A 112 -7.16 -3.23 4.94
C LEU A 112 -7.82 -3.86 6.15
N VAL A 113 -7.40 -3.44 7.35
CA VAL A 113 -8.07 -3.79 8.60
C VAL A 113 -8.88 -2.59 9.03
N THR A 114 -10.18 -2.77 9.16
CA THR A 114 -11.08 -1.72 9.62
C THR A 114 -11.52 -2.05 11.04
N VAL A 115 -11.18 -1.19 11.99
CA VAL A 115 -11.65 -1.32 13.36
C VAL A 115 -12.81 -0.38 13.51
N CYS A 116 -14.00 -0.95 13.72
N CYS A 116 -13.97 -0.93 13.84
CA CYS A 116 -15.23 -0.14 13.81
CA CYS A 116 -15.19 -0.16 13.82
C CYS A 116 -15.24 0.55 15.16
C CYS A 116 -15.37 0.55 15.16
N SER A 117 -15.30 1.88 15.16
CA SER A 117 -15.34 2.63 16.41
C SER A 117 -16.73 2.72 17.02
N GLY A 118 -17.77 2.70 16.20
CA GLY A 118 -19.12 2.92 16.71
C GLY A 118 -19.31 4.26 17.40
N SER A 119 -18.50 5.26 17.05
CA SER A 119 -18.57 6.55 17.72
C SER A 119 -19.84 7.33 17.40
N ASP A 120 -20.62 6.91 16.41
CA ASP A 120 -21.90 7.55 16.17
C ASP A 120 -22.95 7.14 17.20
N TYR A 121 -22.75 6.00 17.86
CA TYR A 121 -23.74 5.47 18.79
C TYR A 121 -24.10 6.50 19.84
N GLU A 122 -23.15 7.37 20.21
CA GLU A 122 -23.39 8.44 21.17
C GLU A 122 -24.58 9.30 20.75
N PHE A 123 -24.53 9.85 19.54
CA PHE A 123 -25.64 10.72 19.16
C PHE A 123 -26.85 9.92 18.68
N LEU A 124 -26.62 8.76 18.06
CA LEU A 124 -27.72 8.00 17.48
C LEU A 124 -28.68 7.47 18.52
N LYS A 125 -28.21 7.24 19.76
CA LYS A 125 -29.10 6.74 20.79
C LYS A 125 -30.21 7.71 21.13
N SER A 126 -30.06 8.99 20.80
CA SER A 126 -31.11 9.98 21.08
C SER A 126 -32.15 10.06 19.97
N TRP A 127 -32.01 9.29 18.89
CA TRP A 127 -32.89 9.39 17.74
C TRP A 127 -34.10 8.46 17.86
N THR A 128 -35.19 8.85 17.21
CA THR A 128 -36.30 7.93 17.10
C THR A 128 -35.91 6.74 16.21
N VAL A 129 -36.62 5.63 16.41
N VAL A 129 -36.64 5.63 16.40
CA VAL A 129 -36.45 4.46 15.56
CA VAL A 129 -36.38 4.46 15.56
C VAL A 129 -36.66 4.81 14.11
C VAL A 129 -36.70 4.74 14.11
N GLU A 130 -37.65 5.66 13.82
CA GLU A 130 -37.92 5.98 12.43
C GLU A 130 -36.74 6.69 11.80
N ASP A 131 -36.12 7.63 12.53
CA ASP A 131 -34.97 8.32 11.96
C ASP A 131 -33.80 7.37 11.81
N LEU A 132 -33.63 6.46 12.77
CA LEU A 132 -32.56 5.46 12.68
C LEU A 132 -32.76 4.55 11.47
N GLN A 133 -34.00 4.08 11.28
N GLN A 133 -33.99 4.08 11.27
CA GLN A 133 -34.29 3.20 10.14
CA GLN A 133 -34.27 3.20 10.14
C GLN A 133 -34.07 3.92 8.82
C GLN A 133 -34.07 3.92 8.82
N LYS A 134 -34.45 5.20 8.75
CA LYS A 134 -34.22 5.97 7.54
C LYS A 134 -32.73 6.07 7.25
N ARG A 135 -31.92 6.30 8.29
CA ARG A 135 -30.48 6.42 8.09
C ARG A 135 -29.90 5.09 7.63
N LEU A 136 -30.37 4.00 8.23
CA LEU A 136 -29.90 2.67 7.85
C LEU A 136 -30.19 2.39 6.38
N LEU A 137 -31.42 2.68 5.95
CA LEU A 137 -31.80 2.44 4.55
C LEU A 137 -31.01 3.32 3.59
N ALA A 138 -30.70 4.54 4.00
CA ALA A 138 -29.99 5.45 3.12
C ALA A 138 -28.57 4.99 2.85
N LEU A 139 -28.00 4.14 3.71
CA LEU A 139 -26.64 3.64 3.47
C LEU A 139 -26.59 2.74 2.26
N ASP A 140 -27.73 2.13 1.90
CA ASP A 140 -27.71 1.16 0.80
C ASP A 140 -27.40 1.81 -0.53
N PRO A 141 -28.11 2.87 -0.98
CA PRO A 141 -27.71 3.50 -2.24
C PRO A 141 -26.33 4.08 -2.18
N MET A 142 -25.89 4.56 -1.03
CA MET A 142 -24.53 5.06 -0.93
C MET A 142 -23.53 3.95 -1.25
N MET A 143 -23.70 2.78 -0.62
CA MET A 143 -22.77 1.68 -0.83
C MET A 143 -22.82 1.19 -2.27
N GLU A 144 -24.03 0.98 -2.80
CA GLU A 144 -24.15 0.43 -4.14
C GLU A 144 -23.59 1.39 -5.18
N GLN A 145 -23.70 2.70 -4.93
N GLN A 145 -23.68 2.69 -4.93
CA GLN A 145 -23.10 3.69 -5.83
CA GLN A 145 -23.09 3.61 -5.90
C GLN A 145 -21.58 3.57 -5.80
C GLN A 145 -21.57 3.63 -5.80
N GLU A 146 -21.00 3.44 -4.61
CA GLU A 146 -19.55 3.29 -4.53
C GLU A 146 -19.09 2.03 -5.24
N ILE A 147 -19.82 0.92 -5.08
CA ILE A 147 -19.44 -0.33 -5.72
C ILE A 147 -19.54 -0.20 -7.23
N GLU A 148 -20.63 0.39 -7.75
CA GLU A 148 -20.78 0.55 -9.19
C GLU A 148 -19.71 1.47 -9.76
N GLU A 149 -19.33 2.51 -9.01
CA GLU A 149 -18.21 3.35 -9.47
C GLU A 149 -16.91 2.56 -9.58
N ILE A 150 -16.66 1.64 -8.64
N ILE A 150 -16.66 1.64 -8.64
CA ILE A 150 -15.49 0.79 -8.75
CA ILE A 150 -15.49 0.77 -8.74
C ILE A 150 -15.57 -0.09 -9.99
C ILE A 150 -15.57 -0.09 -9.99
N ARG A 151 -16.74 -0.67 -10.25
CA ARG A 151 -16.90 -1.49 -11.46
C ARG A 151 -16.62 -0.67 -12.71
N GLN A 152 -17.14 0.55 -12.76
CA GLN A 152 -16.92 1.38 -13.94
C GLN A 152 -15.46 1.77 -14.08
N LYS A 153 -14.80 2.06 -12.96
CA LYS A 153 -13.39 2.40 -12.98
C LYS A 153 -12.56 1.24 -13.54
N TYR A 154 -12.89 0.02 -13.13
CA TYR A 154 -12.15 -1.13 -13.65
C TYR A 154 -12.48 -1.43 -15.09
N GLN A 155 -13.71 -1.19 -15.52
CA GLN A 155 -14.00 -1.30 -16.95
C GLN A 155 -13.12 -0.35 -17.77
N SER A 156 -12.95 0.88 -17.28
N SER A 156 -12.95 0.87 -17.27
CA SER A 156 -12.09 1.83 -17.97
CA SER A 156 -12.08 1.84 -17.96
C SER A 156 -10.62 1.45 -17.91
C SER A 156 -10.65 1.33 -18.03
N LYS A 157 -10.23 0.64 -16.92
N LYS A 157 -10.18 0.64 -16.98
CA LYS A 157 -8.86 0.14 -16.86
CA LYS A 157 -8.84 0.09 -17.01
C LYS A 157 -8.65 -1.02 -17.82
C LYS A 157 -8.72 -1.09 -17.96
N ARG A 158 -9.69 -1.82 -18.08
N ARG A 158 -9.77 -1.90 -18.09
CA ARG A 158 -9.57 -2.96 -18.98
CA ARG A 158 -9.74 -3.04 -19.00
C ARG A 158 -9.47 -2.52 -20.42
C ARG A 158 -9.60 -2.59 -20.44
N GLN A 159 -10.15 -1.43 -20.79
CA GLN A 159 -10.28 -1.08 -22.20
C GLN A 159 -8.95 -0.88 -22.94
N PRO A 160 -7.98 -0.11 -22.42
CA PRO A 160 -6.72 0.04 -23.18
C PRO A 160 -5.99 -1.27 -23.36
N ILE A 161 -6.14 -2.19 -22.40
CA ILE A 161 -5.52 -3.50 -22.52
C ILE A 161 -6.22 -4.32 -23.59
N LEU A 162 -7.56 -4.33 -23.57
CA LEU A 162 -8.31 -5.01 -24.63
C LEU A 162 -7.96 -4.45 -26.00
N ASP A 163 -7.84 -3.13 -26.11
CA ASP A 163 -7.52 -2.53 -27.39
C ASP A 163 -6.12 -2.95 -27.85
N ALA A 164 -5.16 -3.03 -26.92
CA ALA A 164 -3.81 -3.46 -27.30
C ALA A 164 -3.80 -4.91 -27.74
N ILE A 165 -4.56 -5.76 -27.05
CA ILE A 165 -4.71 -7.15 -27.48
C ILE A 165 -5.30 -7.22 -28.88
N GLU A 166 -6.34 -6.42 -29.14
CA GLU A 166 -7.05 -6.51 -30.42
C GLU A 166 -6.18 -6.01 -31.57
N ALA A 167 -5.23 -5.13 -31.30
CA ALA A 167 -4.38 -4.60 -32.36
C ALA A 167 -3.24 -5.53 -32.75
N LYS A 168 -3.07 -6.66 -32.06
CA LYS A 168 -1.98 -7.57 -32.38
C LYS A 168 -2.33 -8.45 -33.57
N GLN B 3 12.12 10.63 16.60
CA GLN B 3 12.69 11.97 16.50
C GLN B 3 13.13 12.31 15.07
N THR B 4 13.83 11.39 14.39
CA THR B 4 14.24 11.64 13.02
C THR B 4 13.02 11.73 12.11
N VAL B 5 13.02 12.74 11.25
CA VAL B 5 11.96 12.97 10.28
C VAL B 5 12.58 12.98 8.90
N VAL B 6 11.93 12.31 7.95
CA VAL B 6 12.40 12.25 6.57
C VAL B 6 11.45 13.09 5.72
N THR B 7 12.00 14.03 4.94
N THR B 7 11.99 14.06 4.99
CA THR B 7 11.19 15.03 4.25
CA THR B 7 11.17 14.99 4.24
C THR B 7 11.37 14.93 2.74
C THR B 7 11.36 14.81 2.74
N GLN B 8 10.24 14.86 2.02
CA GLN B 8 10.20 14.85 0.56
C GLN B 8 9.35 16.03 0.08
N GLU B 9 9.57 16.45 -1.18
CA GLU B 9 8.67 17.43 -1.78
C GLU B 9 7.25 16.90 -1.74
N SER B 10 6.29 17.74 -1.37
N SER B 10 6.30 17.76 -1.38
CA SER B 10 4.93 17.22 -1.29
CA SER B 10 4.92 17.29 -1.27
C SER B 10 4.36 16.88 -2.66
C SER B 10 4.32 16.94 -2.63
N ALA B 11 4.75 17.64 -3.68
CA ALA B 11 4.17 17.49 -5.01
C ALA B 11 5.14 18.08 -6.02
N LEU B 12 5.18 17.47 -7.20
CA LEU B 12 5.91 17.98 -8.36
C LEU B 12 5.10 17.68 -9.60
N THR B 13 5.30 18.49 -10.64
CA THR B 13 4.70 18.25 -11.94
C THR B 13 5.77 18.16 -13.00
N THR B 14 5.59 17.23 -13.93
CA THR B 14 6.48 17.10 -15.07
C THR B 14 5.63 16.83 -16.31
N SER B 15 6.29 16.80 -17.45
CA SER B 15 5.64 16.53 -18.71
C SER B 15 6.41 15.43 -19.40
N PRO B 16 5.81 14.73 -20.36
CA PRO B 16 6.47 13.58 -20.98
C PRO B 16 7.85 13.95 -21.54
N GLY B 17 8.82 13.10 -21.23
CA GLY B 17 10.17 13.22 -21.72
C GLY B 17 11.07 14.12 -20.93
N GLU B 18 10.53 14.83 -19.93
CA GLU B 18 11.38 15.66 -19.10
C GLU B 18 12.15 14.81 -18.08
N THR B 19 13.16 15.42 -17.48
CA THR B 19 13.82 14.81 -16.33
C THR B 19 13.29 15.47 -15.08
N VAL B 20 12.97 14.66 -14.08
CA VAL B 20 12.52 15.20 -12.81
C VAL B 20 13.31 14.50 -11.72
N THR B 21 13.64 15.26 -10.69
CA THR B 21 14.41 14.74 -9.58
C THR B 21 13.60 14.95 -8.31
N LEU B 22 13.41 13.88 -7.57
CA LEU B 22 12.74 13.89 -6.27
C LEU B 22 13.82 13.74 -5.21
N THR B 23 13.64 14.41 -4.06
CA THR B 23 14.66 14.35 -3.02
C THR B 23 14.09 13.89 -1.69
N CYS B 24 15.01 13.44 -0.84
CA CYS B 24 14.68 12.79 0.42
C CYS B 24 15.71 13.25 1.43
N ARG B 25 15.28 14.05 2.39
N ARG B 25 15.29 14.07 2.37
CA ARG B 25 16.16 14.71 3.33
CA ARG B 25 16.19 14.70 3.32
C ARG B 25 15.96 14.16 4.73
C ARG B 25 15.97 14.11 4.70
N SER B 26 17.05 14.03 5.48
CA SER B 26 17.01 13.56 6.84
C SER B 26 17.14 14.74 7.79
N SER B 27 16.33 14.75 8.84
CA SER B 27 16.41 15.82 9.82
C SER B 27 17.59 15.69 10.78
N THR B 28 18.37 14.61 10.74
N THR B 28 18.38 14.61 10.67
CA THR B 28 19.47 14.49 11.69
CA THR B 28 19.58 14.42 11.48
C THR B 28 20.84 14.52 11.03
C THR B 28 20.82 15.01 10.85
N GLY B 29 20.91 14.89 9.76
N GLY B 29 20.82 15.24 9.55
CA GLY B 29 22.18 15.03 9.08
CA GLY B 29 22.01 15.65 8.84
C GLY B 29 22.06 14.64 7.64
C GLY B 29 22.04 15.07 7.45
N ALA B 30 23.21 14.69 6.95
CA ALA B 30 23.32 14.21 5.59
C ALA B 30 22.86 12.76 5.46
N VAL B 31 22.19 12.46 4.36
CA VAL B 31 21.93 11.07 3.99
C VAL B 31 23.22 10.49 3.42
N THR B 32 23.57 9.28 3.84
CA THR B 32 24.77 8.59 3.36
C THR B 32 24.37 7.21 2.89
N THR B 33 25.35 6.48 2.35
CA THR B 33 25.05 5.10 1.94
C THR B 33 24.62 4.22 3.10
N SER B 34 25.00 4.58 4.33
N SER B 34 25.00 4.58 4.33
CA SER B 34 24.57 3.78 5.46
CA SER B 34 24.57 3.78 5.47
C SER B 34 23.10 3.95 5.80
C SER B 34 23.09 3.94 5.79
N ASN B 35 22.37 4.82 5.08
CA ASN B 35 20.92 4.91 5.21
C ASN B 35 20.18 4.01 4.22
N TYR B 36 20.91 3.37 3.30
CA TYR B 36 20.37 2.36 2.38
C TYR B 36 19.09 2.84 1.68
N ALA B 37 19.10 4.11 1.23
CA ALA B 37 17.86 4.76 0.81
C ALA B 37 17.05 3.93 -0.17
N ASN B 38 15.76 3.82 0.10
CA ASN B 38 14.79 3.19 -0.76
C ASN B 38 13.89 4.23 -1.43
N TRP B 39 13.42 3.88 -2.63
CA TRP B 39 12.37 4.60 -3.32
C TRP B 39 11.34 3.59 -3.77
N VAL B 40 10.07 3.86 -3.43
CA VAL B 40 8.98 2.98 -3.82
C VAL B 40 7.86 3.84 -4.41
N GLN B 41 7.04 3.20 -5.25
CA GLN B 41 6.01 3.90 -6.01
C GLN B 41 4.65 3.36 -5.63
N GLU B 42 3.72 4.27 -5.34
CA GLU B 42 2.34 3.92 -5.06
C GLU B 42 1.44 4.42 -6.18
N LYS B 43 0.68 3.51 -6.76
CA LYS B 43 -0.42 3.82 -7.67
C LYS B 43 -1.73 3.32 -7.07
N PRO B 44 -2.88 3.76 -7.57
CA PRO B 44 -4.15 3.19 -7.11
C PRO B 44 -4.31 1.73 -7.52
N ASP B 45 -4.88 0.92 -6.61
CA ASP B 45 -5.24 1.38 -5.27
C ASP B 45 -4.33 0.73 -4.25
N HIS B 46 -3.62 1.56 -3.51
CA HIS B 46 -2.51 1.16 -2.63
C HIS B 46 -1.69 0.02 -3.24
N LEU B 47 -1.32 0.23 -4.52
CA LEU B 47 -0.48 -0.69 -5.27
C LEU B 47 0.96 -0.17 -5.27
N PHE B 48 1.80 -0.82 -4.48
CA PHE B 48 3.17 -0.40 -4.28
C PHE B 48 4.11 -1.27 -5.08
N THR B 49 5.12 -0.65 -5.67
N THR B 49 5.15 -0.65 -5.61
CA THR B 49 6.21 -1.40 -6.26
CA THR B 49 6.19 -1.43 -6.25
C THR B 49 7.53 -0.80 -5.79
C THR B 49 7.53 -0.81 -5.94
N GLY B 50 8.53 -1.65 -5.70
CA GLY B 50 9.86 -1.17 -5.39
C GLY B 50 10.53 -0.60 -6.62
N LEU B 51 11.31 0.45 -6.42
N LEU B 51 11.34 0.43 -6.43
CA LEU B 51 12.07 1.08 -7.51
CA LEU B 51 12.12 1.00 -7.53
C LEU B 51 13.56 0.98 -7.27
C LEU B 51 13.60 0.93 -7.25
N ILE B 52 14.04 1.51 -6.14
CA ILE B 52 15.45 1.56 -5.78
C ILE B 52 15.58 1.11 -4.33
N VAL B 53 16.64 0.36 -4.05
CA VAL B 53 17.03 0.08 -2.67
C VAL B 53 18.52 0.33 -2.56
N GLY B 54 18.99 0.53 -1.32
CA GLY B 54 20.43 0.66 -1.12
C GLY B 54 21.03 1.83 -1.90
N THR B 55 20.35 2.98 -1.90
CA THR B 55 20.75 4.22 -2.56
C THR B 55 20.56 4.18 -4.06
N ASN B 56 21.12 3.17 -4.73
CA ASN B 56 21.23 3.20 -6.18
C ASN B 56 20.97 1.86 -6.86
N ASN B 57 20.50 0.85 -6.14
CA ASN B 57 20.22 -0.44 -6.77
C ASN B 57 18.80 -0.45 -7.33
N ARG B 58 18.69 -0.57 -8.65
CA ARG B 58 17.40 -0.61 -9.31
C ARG B 58 16.82 -2.02 -9.22
N VAL B 59 15.59 -2.11 -8.72
CA VAL B 59 14.88 -3.38 -8.51
C VAL B 59 14.69 -4.07 -9.85
N PRO B 60 14.83 -5.40 -9.95
CA PRO B 60 14.68 -6.06 -11.25
C PRO B 60 13.32 -5.74 -11.87
N GLY B 61 13.34 -5.40 -13.16
CA GLY B 61 12.12 -5.12 -13.87
C GLY B 61 11.75 -3.65 -13.91
N VAL B 62 12.37 -2.84 -13.08
CA VAL B 62 12.12 -1.39 -13.08
C VAL B 62 12.82 -0.79 -14.30
N PRO B 63 12.16 0.09 -15.06
CA PRO B 63 12.77 0.55 -16.30
C PRO B 63 13.97 1.45 -16.02
N PRO B 64 14.92 1.52 -16.96
CA PRO B 64 16.19 2.21 -16.68
C PRO B 64 16.08 3.72 -16.55
N ARG B 65 14.92 4.33 -16.88
CA ARG B 65 14.78 5.76 -16.67
C ARG B 65 14.80 6.14 -15.19
N PHE B 66 14.61 5.18 -14.26
CA PHE B 66 14.69 5.46 -12.84
C PHE B 66 16.11 5.21 -12.34
N SER B 67 16.66 6.16 -11.59
N SER B 67 16.65 6.16 -11.59
N SER B 67 16.65 6.15 -11.57
CA SER B 67 17.95 5.94 -10.96
CA SER B 67 17.96 5.98 -10.97
CA SER B 67 17.98 6.00 -10.99
C SER B 67 17.99 6.64 -9.62
C SER B 67 17.95 6.63 -9.59
C SER B 67 18.02 6.67 -9.63
N GLY B 68 18.75 6.07 -8.69
CA GLY B 68 18.91 6.63 -7.36
C GLY B 68 20.33 7.09 -7.15
N SER B 69 20.49 8.14 -6.35
CA SER B 69 21.81 8.66 -6.03
C SER B 69 21.73 9.46 -4.73
N LEU B 70 22.89 9.99 -4.30
CA LEU B 70 22.95 11.01 -3.28
C LEU B 70 23.38 12.32 -3.93
N ILE B 71 22.65 13.39 -3.64
CA ILE B 71 22.96 14.74 -4.14
C ILE B 71 22.88 15.71 -2.98
N GLU B 72 23.98 16.41 -2.69
CA GLU B 72 23.98 17.49 -1.69
C GLU B 72 23.32 17.06 -0.38
N ASP B 73 23.80 15.94 0.17
CA ASP B 73 23.38 15.45 1.48
C ASP B 73 21.95 14.90 1.51
N LYS B 74 21.29 14.76 0.36
CA LYS B 74 19.97 14.15 0.27
C LYS B 74 20.03 12.91 -0.63
N ALA B 75 19.13 11.96 -0.40
CA ALA B 75 18.90 10.94 -1.40
C ALA B 75 18.04 11.52 -2.52
N ALA B 76 18.25 11.03 -3.74
CA ALA B 76 17.55 11.57 -4.89
C ALA B 76 17.13 10.47 -5.85
N LEU B 77 15.89 10.54 -6.32
CA LEU B 77 15.38 9.67 -7.38
C LEU B 77 15.26 10.53 -8.63
N THR B 78 15.95 10.16 -9.70
CA THR B 78 15.87 10.88 -10.96
C THR B 78 15.11 10.02 -11.94
N ILE B 79 14.10 10.62 -12.57
CA ILE B 79 13.38 9.99 -13.67
C ILE B 79 13.83 10.72 -14.92
N THR B 80 14.64 10.05 -15.74
CA THR B 80 15.20 10.67 -16.94
C THR B 80 14.30 10.31 -18.12
N GLY B 81 13.41 11.22 -18.48
CA GLY B 81 12.45 10.95 -19.54
C GLY B 81 11.15 10.41 -18.99
N ALA B 82 10.40 11.26 -18.27
CA ALA B 82 9.20 10.83 -17.59
C ALA B 82 8.16 10.35 -18.59
N GLN B 83 7.38 9.35 -18.18
N GLN B 83 7.37 9.36 -18.19
CA GLN B 83 6.27 8.81 -18.95
CA GLN B 83 6.27 8.86 -19.00
C GLN B 83 4.97 9.06 -18.19
C GLN B 83 4.97 9.00 -18.21
N THR B 84 3.84 9.05 -18.92
CA THR B 84 2.57 9.31 -18.24
C THR B 84 2.29 8.26 -17.18
N GLU B 85 2.74 7.02 -17.41
N GLU B 85 2.74 7.02 -17.40
CA GLU B 85 2.59 5.94 -16.44
CA GLU B 85 2.54 5.96 -16.40
C GLU B 85 3.37 6.17 -15.15
C GLU B 85 3.32 6.22 -15.11
N ASP B 86 4.23 7.19 -15.11
CA ASP B 86 4.98 7.51 -13.90
C ASP B 86 4.21 8.40 -12.95
N GLU B 87 3.03 8.90 -13.34
CA GLU B 87 2.18 9.64 -12.41
C GLU B 87 1.79 8.72 -11.26
N ALA B 88 2.20 9.09 -10.05
CA ALA B 88 2.12 8.19 -8.91
C ALA B 88 2.61 8.97 -7.71
N ILE B 89 2.56 8.35 -6.53
CA ILE B 89 3.15 8.91 -5.33
C ILE B 89 4.42 8.13 -5.04
N TYR B 90 5.51 8.83 -4.79
CA TYR B 90 6.81 8.22 -4.57
C TYR B 90 7.24 8.43 -3.13
N PHE B 91 7.54 7.33 -2.43
CA PHE B 91 7.97 7.39 -1.04
C PHE B 91 9.43 6.98 -0.95
N CYS B 92 10.18 7.73 -0.17
N CYS B 92 10.15 7.69 -0.10
CA CYS B 92 11.50 7.23 0.20
CA CYS B 92 11.52 7.37 0.25
C CYS B 92 11.46 6.64 1.60
C CYS B 92 11.57 6.79 1.67
N ALA B 93 12.48 5.83 1.90
CA ALA B 93 12.68 5.31 3.24
C ALA B 93 14.18 5.28 3.53
N LEU B 94 14.54 5.65 4.76
CA LEU B 94 15.92 5.65 5.21
C LEU B 94 16.08 4.77 6.44
N TRP B 95 17.21 4.07 6.50
CA TRP B 95 17.54 3.20 7.61
C TRP B 95 18.42 3.96 8.59
N TYR B 96 18.00 3.98 9.85
CA TYR B 96 18.78 4.63 10.91
C TYR B 96 19.22 3.64 11.99
N SER B 97 20.24 2.83 11.70
CA SER B 97 20.85 1.90 12.65
C SER B 97 19.96 0.73 13.05
N ASN B 98 18.73 1.02 13.45
CA ASN B 98 17.84 -0.01 13.98
C ASN B 98 16.37 0.17 13.60
N HIS B 99 16.03 1.10 12.70
CA HIS B 99 14.66 1.21 12.22
C HIS B 99 14.62 1.93 10.87
N TRP B 100 13.61 1.60 10.08
CA TRP B 100 13.32 2.30 8.83
C TRP B 100 12.36 3.46 9.11
N VAL B 101 12.61 4.60 8.48
CA VAL B 101 11.74 5.76 8.58
C VAL B 101 11.35 6.18 7.17
N PHE B 102 10.05 6.33 6.91
CA PHE B 102 9.57 6.75 5.59
C PHE B 102 9.40 8.25 5.54
N GLY B 103 9.69 8.82 4.37
CA GLY B 103 9.25 10.17 4.06
C GLY B 103 7.75 10.22 3.85
N GLY B 104 7.23 11.45 3.68
CA GLY B 104 5.81 11.69 3.52
C GLY B 104 5.28 11.47 2.12
N GLY B 105 6.15 11.23 1.15
CA GLY B 105 5.70 10.95 -0.22
C GLY B 105 5.65 12.21 -1.05
N THR B 106 5.91 12.04 -2.36
CA THR B 106 5.79 13.11 -3.34
C THR B 106 4.74 12.71 -4.37
N LYS B 107 3.70 13.54 -4.51
CA LYS B 107 2.70 13.31 -5.55
C LYS B 107 3.26 13.84 -6.86
N LEU B 108 3.65 12.96 -7.77
CA LEU B 108 4.16 13.39 -9.07
C LEU B 108 3.01 13.39 -10.07
N THR B 109 2.70 14.57 -10.62
CA THR B 109 1.76 14.71 -11.74
C THR B 109 2.55 14.69 -13.03
N VAL B 110 2.03 13.97 -14.02
CA VAL B 110 2.57 14.02 -15.38
C VAL B 110 1.50 14.59 -16.29
N LEU B 111 1.78 15.74 -16.91
CA LEU B 111 0.84 16.31 -17.86
C LEU B 111 0.77 15.43 -19.10
N GLY B 112 -0.30 15.60 -19.88
CA GLY B 112 -0.46 14.88 -21.13
C GLY B 112 -1.45 13.74 -21.12
N GLY B 113 -2.31 13.64 -20.10
CA GLY B 113 -3.32 12.60 -20.10
C GLY B 113 -2.71 11.21 -20.03
N SER B 114 -3.47 10.24 -20.51
CA SER B 114 -3.06 8.84 -20.51
C SER B 114 -2.49 8.47 -21.88
N ASP B 115 -1.37 7.76 -21.86
CA ASP B 115 -0.69 7.29 -23.06
C ASP B 115 -0.50 5.78 -22.90
N TYR B 116 -1.02 5.01 -23.85
CA TYR B 116 -0.97 3.55 -23.78
C TYR B 116 -0.09 2.93 -24.84
N GLU B 117 0.74 3.72 -25.52
CA GLU B 117 1.63 3.17 -26.54
C GLU B 117 2.57 2.12 -25.97
N PHE B 118 2.90 2.22 -24.67
CA PHE B 118 3.79 1.23 -24.08
C PHE B 118 3.21 -0.18 -24.16
N LEU B 119 1.88 -0.30 -24.10
CA LEU B 119 1.25 -1.61 -24.17
C LEU B 119 1.50 -2.30 -25.50
N LYS B 120 1.81 -1.54 -26.57
CA LYS B 120 2.03 -2.14 -27.88
C LYS B 120 3.22 -3.07 -27.87
N SER B 121 4.20 -2.81 -27.01
CA SER B 121 5.39 -3.64 -26.96
C SER B 121 5.19 -4.91 -26.14
N TRP B 122 4.09 -5.05 -25.41
CA TRP B 122 3.87 -6.24 -24.61
C TRP B 122 3.41 -7.41 -25.46
N THR B 123 3.73 -8.63 -25.01
CA THR B 123 3.17 -9.79 -25.68
C THR B 123 1.68 -9.92 -25.34
N VAL B 124 0.95 -10.60 -26.22
CA VAL B 124 -0.47 -10.85 -25.96
C VAL B 124 -0.63 -11.60 -24.65
N GLU B 125 0.28 -12.53 -24.36
CA GLU B 125 0.21 -13.28 -23.10
C GLU B 125 0.33 -12.35 -21.89
N ASP B 126 1.28 -11.41 -21.93
CA ASP B 126 1.45 -10.52 -20.79
C ASP B 126 0.29 -9.54 -20.68
N LEU B 127 -0.29 -9.12 -21.81
CA LEU B 127 -1.49 -8.29 -21.76
C LEU B 127 -2.66 -9.04 -21.15
N GLN B 128 -2.85 -10.30 -21.57
N GLN B 128 -2.86 -10.29 -21.58
CA GLN B 128 -3.92 -11.12 -21.00
CA GLN B 128 -3.94 -11.08 -20.99
C GLN B 128 -3.72 -11.31 -19.50
C GLN B 128 -3.72 -11.26 -19.49
N LYS B 129 -2.48 -11.45 -19.06
CA LYS B 129 -2.18 -11.59 -17.63
C LYS B 129 -2.56 -10.32 -16.87
N ARG B 130 -2.21 -9.16 -17.43
CA ARG B 130 -2.51 -7.89 -16.79
C ARG B 130 -4.01 -7.66 -16.73
N LEU B 131 -4.72 -8.05 -17.78
CA LEU B 131 -6.16 -7.93 -17.82
C LEU B 131 -6.80 -8.76 -16.71
N LEU B 132 -6.36 -10.00 -16.55
N LEU B 132 -6.39 -10.02 -16.57
CA LEU B 132 -6.94 -10.90 -15.56
CA LEU B 132 -6.97 -10.87 -15.54
C LEU B 132 -6.59 -10.47 -14.14
C LEU B 132 -6.64 -10.38 -14.13
N ALA B 133 -5.45 -9.83 -13.95
CA ALA B 133 -5.02 -9.37 -12.63
C ALA B 133 -5.88 -8.22 -12.13
N LEU B 134 -6.61 -7.54 -13.02
CA LEU B 134 -7.50 -6.47 -12.57
C LEU B 134 -8.68 -7.01 -11.78
N ASP B 135 -9.07 -8.27 -12.03
CA ASP B 135 -10.26 -8.80 -11.36
C ASP B 135 -10.09 -8.92 -9.86
N PRO B 136 -9.03 -9.57 -9.34
CA PRO B 136 -8.85 -9.54 -7.87
C PRO B 136 -8.72 -8.14 -7.31
N MET B 137 -8.09 -7.22 -8.04
CA MET B 137 -7.96 -5.85 -7.54
C MET B 137 -9.35 -5.24 -7.35
N MET B 138 -10.21 -5.43 -8.35
CA MET B 138 -11.56 -4.89 -8.28
C MET B 138 -12.33 -5.52 -7.11
N GLU B 139 -12.28 -6.84 -6.98
CA GLU B 139 -13.05 -7.49 -5.92
C GLU B 139 -12.56 -7.09 -4.54
N GLN B 140 -11.25 -6.89 -4.41
CA GLN B 140 -10.71 -6.44 -3.12
C GLN B 140 -11.26 -5.05 -2.77
N GLU B 141 -11.26 -4.13 -3.74
N GLU B 141 -11.29 -4.14 -3.75
CA GLU B 141 -11.79 -2.79 -3.49
CA GLU B 141 -11.79 -2.80 -3.48
C GLU B 141 -13.26 -2.84 -3.12
C GLU B 141 -13.27 -2.83 -3.13
N ILE B 142 -14.04 -3.68 -3.80
CA ILE B 142 -15.47 -3.81 -3.49
C ILE B 142 -15.66 -4.34 -2.08
N GLU B 143 -14.91 -5.37 -1.70
CA GLU B 143 -15.07 -5.93 -0.36
C GLU B 143 -14.66 -4.93 0.71
N GLU B 144 -13.63 -4.14 0.42
CA GLU B 144 -13.26 -3.07 1.36
C GLU B 144 -14.40 -2.10 1.57
N ILE B 145 -15.11 -1.74 0.50
N ILE B 145 -15.11 -1.75 0.49
CA ILE B 145 -16.26 -0.85 0.64
CA ILE B 145 -16.27 -0.86 0.60
C ILE B 145 -17.35 -1.51 1.47
C ILE B 145 -17.36 -1.50 1.42
N ARG B 146 -17.63 -2.79 1.21
N ARG B 146 -17.64 -2.78 1.21
CA ARG B 146 -18.64 -3.48 2.01
CA ARG B 146 -18.65 -3.47 2.02
C ARG B 146 -18.31 -3.40 3.50
C ARG B 146 -18.31 -3.37 3.50
N GLN B 147 -17.05 -3.59 3.85
CA GLN B 147 -16.64 -3.56 5.25
C GLN B 147 -16.72 -2.16 5.83
N LYS B 148 -16.39 -1.14 5.03
CA LYS B 148 -16.60 0.24 5.47
C LYS B 148 -18.06 0.48 5.85
N TYR B 149 -18.98 -0.03 5.03
CA TYR B 149 -20.39 0.17 5.32
C TYR B 149 -20.87 -0.67 6.50
N GLN B 150 -20.31 -1.88 6.68
CA GLN B 150 -20.64 -2.65 7.88
C GLN B 150 -20.40 -1.83 9.13
N CYS B 151 -19.28 -1.09 9.18
N CYS B 151 -19.30 -1.08 9.13
CA CYS B 151 -19.01 -0.25 10.35
CA CYS B 151 -18.98 -0.25 10.29
C CYS B 151 -20.00 0.91 10.45
C CYS B 151 -19.92 0.93 10.43
N LYS B 152 -20.41 1.47 9.31
CA LYS B 152 -21.38 2.56 9.38
C LYS B 152 -22.73 2.06 9.88
N ARG B 153 -23.10 0.83 9.53
N ARG B 153 -23.11 0.83 9.51
CA ARG B 153 -24.43 0.33 9.86
CA ARG B 153 -24.43 0.34 9.86
C ARG B 153 -24.54 -0.14 11.30
C ARG B 153 -24.52 -0.07 11.32
N GLN B 154 -23.44 -0.63 11.86
CA GLN B 154 -23.50 -1.27 13.18
C GLN B 154 -24.03 -0.36 14.28
N PRO B 155 -23.56 0.88 14.45
CA PRO B 155 -24.12 1.70 15.54
C PRO B 155 -25.58 2.02 15.36
N ILE B 156 -26.05 2.09 14.12
CA ILE B 156 -27.47 2.32 13.90
C ILE B 156 -28.28 1.12 14.34
N LEU B 157 -27.86 -0.09 13.93
CA LEU B 157 -28.53 -1.30 14.38
C LEU B 157 -28.50 -1.41 15.89
N ASP B 158 -27.37 -1.06 16.49
CA ASP B 158 -27.25 -1.14 17.95
C ASP B 158 -28.24 -0.20 18.61
N ALA B 159 -28.38 1.00 18.06
CA ALA B 159 -29.30 1.99 18.61
C ALA B 159 -30.75 1.53 18.49
N ILE B 160 -31.11 0.91 17.37
CA ILE B 160 -32.47 0.39 17.21
C ILE B 160 -32.72 -0.72 18.22
N GLU B 161 -31.75 -1.64 18.33
CA GLU B 161 -31.90 -2.80 19.21
C GLU B 161 -31.99 -2.40 20.68
N ALA B 162 -31.36 -1.26 21.05
CA ALA B 162 -31.27 -0.81 22.45
C ALA B 162 -32.55 -0.17 22.94
N LYS B 163 -33.48 0.14 22.06
CA LYS B 163 -34.69 0.81 22.49
C LYS B 163 -35.49 -0.12 23.38
N GLY C 3 27.04 -4.48 6.98
CA GLY C 3 26.42 -3.19 6.72
C GLY C 3 24.97 -3.10 7.20
N TYR C 4 24.04 -3.40 6.32
CA TYR C 4 22.64 -3.43 6.73
C TYR C 4 22.35 -4.76 7.42
N PRO C 5 21.75 -4.75 8.61
CA PRO C 5 21.64 -5.98 9.40
C PRO C 5 20.40 -6.83 9.11
N GLY C 6 19.55 -6.41 8.17
CA GLY C 6 18.46 -7.26 7.76
C GLY C 6 18.91 -8.41 6.89
N GLN C 7 17.96 -9.28 6.57
CA GLN C 7 18.24 -10.53 5.88
C GLN C 7 18.07 -10.32 4.38
N VAL C 8 19.16 -9.98 3.70
CA VAL C 8 19.13 -9.72 2.27
C VAL C 8 19.80 -10.87 1.55
CL CL D . -36.52 5.90 4.40
#